data_2PBK
#
_entry.id   2PBK
#
_cell.length_a   45.883
_cell.length_b   108.941
_cell.length_c   54.051
_cell.angle_alpha   90.00
_cell.angle_beta   103.71
_cell.angle_gamma   90.00
#
_symmetry.space_group_name_H-M   'P 1 21 1'
#
loop_
_entity.id
_entity.type
_entity.pdbx_description
1 polymer 'KSHV protease'
2 polymer 'hexapeptide phosphonate inhibitor'
3 non-polymer 'ACETATE ION'
4 water water
#
loop_
_entity_poly.entity_id
_entity_poly.type
_entity_poly.pdbx_seq_one_letter_code
_entity_poly.pdbx_strand_id
1 'polypeptide(L)'
;QGLYVGGFVDVVSCPKLEQELYLDPDQVTDYLPVTEPLPITIEHLPETEVGWTLGLFQVSHGIFCTGAITSPAFLELASR
LADTSHVARAPVKNLPKEPLLEILHTWLPGLSLSSIHPRELSQTPSGPVFQHVSLCALGRRRGTVAVYGHDAEWVVSRFS
SVSKSERAHILQHVSSCRLEDLSTPNFVSPLETLMAKAIDAGFIRDRLDLLKTDRGVASILSPVYLKA
;
A,B
2 'polypeptide(L)' (ACE)PVY(TBG)Q(GG7) C,D
#
# COMPACT_ATOMS: atom_id res chain seq x y z
N GLN A 1 9.88 26.88 2.72
CA GLN A 1 10.52 25.54 2.86
C GLN A 1 10.23 24.84 4.19
N GLY A 2 9.53 25.52 5.11
CA GLY A 2 8.83 24.81 6.18
C GLY A 2 7.80 23.87 5.53
N LEU A 3 7.56 22.72 6.18
CA LEU A 3 6.47 21.80 5.77
C LEU A 3 5.50 21.72 6.94
N TYR A 4 4.30 22.24 6.72
CA TYR A 4 3.26 22.30 7.73
C TYR A 4 2.20 21.25 7.43
N VAL A 5 1.46 20.86 8.46
CA VAL A 5 0.28 20.03 8.29
C VAL A 5 -0.86 20.60 9.14
N GLY A 6 -2.07 20.51 8.62
CA GLY A 6 -3.25 20.95 9.35
C GLY A 6 -4.38 19.98 9.12
N GLY A 7 -5.32 19.92 10.04
CA GLY A 7 -6.52 19.12 9.84
C GLY A 7 -7.23 18.84 11.15
N PHE A 8 -8.44 18.30 11.00
CA PHE A 8 -9.20 17.92 12.15
C PHE A 8 -8.71 16.58 12.67
N VAL A 9 -8.60 16.46 13.98
CA VAL A 9 -8.45 15.16 14.62
C VAL A 9 -9.79 14.65 15.21
N ASP A 10 -10.81 15.53 15.23
CA ASP A 10 -12.20 15.14 15.53
C ASP A 10 -13.14 16.17 14.92
N VAL A 11 -14.22 15.71 14.30
CA VAL A 11 -15.26 16.58 13.72
C VAL A 11 -16.57 16.25 14.48
N VAL A 12 -17.13 17.25 15.15
CA VAL A 12 -18.22 17.06 16.12
C VAL A 12 -19.48 16.54 15.47
N SER A 13 -19.74 16.95 14.23
CA SER A 13 -20.99 16.62 13.55
C SER A 13 -21.13 15.15 13.15
N CYS A 14 -20.00 14.42 13.12
CA CYS A 14 -20.05 13.04 12.68
C CYS A 14 -20.75 12.19 13.71
N PRO A 15 -21.51 11.17 13.26
CA PRO A 15 -22.02 10.19 14.20
C PRO A 15 -20.89 9.25 14.62
N LYS A 16 -20.64 9.12 15.91
CA LYS A 16 -19.57 8.22 16.38
C LYS A 16 -20.19 6.91 16.88
N LEU A 17 -19.81 5.84 16.22
CA LEU A 17 -20.40 4.54 16.47
C LEU A 17 -19.71 3.82 17.63
N GLU A 18 -18.40 4.05 17.80
CA GLU A 18 -17.63 3.43 18.88
C GLU A 18 -17.47 4.39 20.04
N GLN A 19 -18.00 4.02 21.21
CA GLN A 19 -17.97 4.93 22.36
C GLN A 19 -16.55 5.36 22.77
N GLU A 20 -15.56 4.49 22.58
CA GLU A 20 -14.18 4.84 22.94
C GLU A 20 -13.58 6.01 22.10
N LEU A 21 -14.16 6.30 20.94
CA LEU A 21 -13.69 7.38 20.07
C LEU A 21 -14.41 8.73 20.34
N TYR A 22 -15.41 8.72 21.20
CA TYR A 22 -16.20 9.92 21.39
C TYR A 22 -15.38 10.95 22.17
N LEU A 23 -15.42 12.20 21.67
CA LEU A 23 -14.84 13.36 22.35
C LEU A 23 -15.94 14.41 22.58
N ASP A 24 -16.37 14.56 23.81
CA ASP A 24 -17.46 15.47 24.15
C ASP A 24 -16.94 16.93 24.07
N PRO A 25 -17.50 17.76 23.18
CA PRO A 25 -17.02 19.16 23.09
C PRO A 25 -17.10 19.91 24.42
N ASP A 26 -18.10 19.55 25.23
CA ASP A 26 -18.35 20.23 26.50
C ASP A 26 -17.37 19.79 27.61
N GLN A 27 -16.64 18.71 27.37
CA GLN A 27 -15.60 18.21 28.28
C GLN A 27 -14.16 18.54 27.84
N VAL A 28 -13.87 18.42 26.55
CA VAL A 28 -12.50 18.70 26.06
C VAL A 28 -12.15 20.17 26.20
N THR A 29 -13.15 21.04 26.33
CA THR A 29 -12.86 22.46 26.46
C THR A 29 -11.91 22.74 27.65
N ASP A 30 -11.97 21.94 28.69
CA ASP A 30 -11.11 22.12 29.84
C ASP A 30 -9.63 21.78 29.61
N TYR A 31 -9.34 21.19 28.46
CA TYR A 31 -8.03 20.64 28.16
C TYR A 31 -7.44 21.22 26.90
N LEU A 32 -8.10 22.22 26.33
CA LEU A 32 -7.67 22.87 25.07
C LEU A 32 -7.65 24.40 25.24
N PRO A 33 -6.78 25.14 24.51
CA PRO A 33 -5.86 24.60 23.50
C PRO A 33 -4.58 24.00 24.10
N VAL A 34 -3.94 23.09 23.38
CA VAL A 34 -2.63 22.63 23.76
C VAL A 34 -1.64 23.37 22.88
N THR A 35 -0.79 24.17 23.49
CA THR A 35 0.19 24.96 22.72
C THR A 35 1.63 24.44 22.86
N GLU A 36 1.93 23.69 23.92
CA GLU A 36 3.20 22.97 24.00
C GLU A 36 3.28 21.91 22.88
N PRO A 37 4.47 21.71 22.32
CA PRO A 37 4.61 20.73 21.22
C PRO A 37 4.38 19.28 21.66
N LEU A 38 3.50 18.61 20.94
CA LEU A 38 3.29 17.17 21.03
C LEU A 38 3.93 16.48 19.82
N PRO A 39 4.44 15.25 20.01
CA PRO A 39 5.08 14.60 18.88
C PRO A 39 4.06 14.29 17.77
N ILE A 40 4.51 14.36 16.52
CA ILE A 40 3.79 13.86 15.38
C ILE A 40 4.55 12.61 14.93
N THR A 41 3.86 11.49 14.89
CA THR A 41 4.46 10.20 14.58
C THR A 41 3.76 9.57 13.38
N ILE A 42 4.20 8.38 12.99
CA ILE A 42 3.59 7.62 11.89
C ILE A 42 2.91 6.36 12.42
N GLU A 43 1.59 6.28 12.19
CA GLU A 43 0.80 5.09 12.46
C GLU A 43 0.93 4.57 13.89
N HIS A 44 1.09 5.49 14.84
CA HIS A 44 1.29 5.16 16.22
C HIS A 44 2.49 4.23 16.50
N LEU A 45 3.42 4.14 15.55
CA LEU A 45 4.62 3.30 15.69
C LEU A 45 5.70 3.98 16.53
N PRO A 46 6.51 3.16 17.26
CA PRO A 46 7.65 3.69 17.97
C PRO A 46 8.71 4.11 16.96
N GLU A 47 9.57 5.05 17.36
CA GLU A 47 10.73 5.44 16.55
C GLU A 47 10.34 6.19 15.26
N THR A 48 9.13 6.75 15.20
CA THR A 48 8.66 7.44 13.98
C THR A 48 8.28 8.91 14.20
N GLU A 49 8.94 9.57 15.15
CA GLU A 49 8.69 11.01 15.35
C GLU A 49 9.17 11.73 14.11
N VAL A 50 8.31 12.51 13.51
CA VAL A 50 8.64 13.27 12.30
C VAL A 50 8.53 14.79 12.46
N GLY A 51 7.90 15.22 13.55
CA GLY A 51 7.73 16.65 13.77
C GLY A 51 6.94 16.88 15.05
N TRP A 52 6.35 18.07 15.13
CA TRP A 52 5.77 18.57 16.37
C TRP A 52 4.48 19.32 16.09
N THR A 53 3.48 19.13 16.94
CA THR A 53 2.29 19.95 16.83
C THR A 53 2.65 21.38 17.22
N LEU A 54 1.95 22.33 16.61
CA LEU A 54 2.14 23.74 16.93
C LEU A 54 0.93 24.19 17.75
N GLY A 55 -0.15 23.45 17.70
CA GLY A 55 -1.31 23.80 18.48
C GLY A 55 -2.40 22.81 18.19
N LEU A 56 -3.16 22.47 19.23
CA LEU A 56 -4.39 21.72 19.13
C LEU A 56 -5.49 22.63 19.67
N PHE A 57 -6.51 22.90 18.85
CA PHE A 57 -7.49 23.93 19.20
C PHE A 57 -8.89 23.39 19.14
N GLN A 58 -9.74 23.84 20.06
CA GLN A 58 -11.18 23.62 19.90
C GLN A 58 -11.75 24.71 19.00
N VAL A 59 -12.42 24.29 17.95
CA VAL A 59 -13.17 25.19 17.06
C VAL A 59 -14.61 24.71 16.94
N SER A 60 -15.49 25.50 16.32
CA SER A 60 -16.90 25.12 16.29
C SER A 60 -17.16 23.75 15.66
N HIS A 61 -16.34 23.40 14.64
CA HIS A 61 -16.51 22.21 13.82
C HIS A 61 -15.86 20.96 14.45
N GLY A 62 -15.02 21.12 15.46
CA GLY A 62 -14.32 19.98 16.07
C GLY A 62 -13.02 20.37 16.77
N ILE A 63 -12.02 19.50 16.71
CA ILE A 63 -10.72 19.80 17.27
C ILE A 63 -9.71 19.82 16.12
N PHE A 64 -9.01 20.95 15.99
CA PHE A 64 -8.17 21.23 14.83
C PHE A 64 -6.72 21.24 15.25
N CYS A 65 -5.89 20.60 14.46
CA CYS A 65 -4.48 20.45 14.75
C CYS A 65 -3.61 21.16 13.67
N THR A 66 -2.58 21.85 14.11
CA THR A 66 -1.55 22.38 13.24
C THR A 66 -0.23 21.75 13.67
N GLY A 67 0.69 21.53 12.75
CA GLY A 67 1.97 20.92 13.07
C GLY A 67 3.02 21.24 12.02
N ALA A 68 4.28 21.01 12.38
CA ALA A 68 5.40 21.17 11.45
C ALA A 68 6.11 19.82 11.36
N ILE A 69 6.38 19.42 10.13
CA ILE A 69 7.09 18.19 9.88
CA ILE A 69 7.09 18.18 9.83
C ILE A 69 8.54 18.60 9.63
N THR A 70 9.40 18.19 10.55
CA THR A 70 10.76 18.78 10.67
C THR A 70 11.91 17.80 10.62
N SER A 71 11.64 16.50 10.67
CA SER A 71 12.71 15.50 10.74
C SER A 71 13.45 15.49 9.42
N PRO A 72 14.77 15.80 9.41
CA PRO A 72 15.56 15.74 8.17
C PRO A 72 15.57 14.33 7.55
N ALA A 73 15.80 13.31 8.37
CA ALA A 73 15.82 11.92 7.85
C ALA A 73 14.48 11.57 7.18
N PHE A 74 13.36 11.93 7.83
CA PHE A 74 12.01 11.67 7.27
C PHE A 74 11.78 12.43 5.97
N LEU A 75 12.15 13.71 5.96
CA LEU A 75 11.95 14.53 4.75
C LEU A 75 12.79 14.04 3.61
N GLU A 76 13.99 13.57 3.90
CA GLU A 76 14.87 13.04 2.86
C GLU A 76 14.24 11.78 2.25
N LEU A 77 13.76 10.91 3.10
CA LEU A 77 13.07 9.66 2.69
C LEU A 77 11.86 9.96 1.83
N ALA A 78 10.98 10.80 2.35
CA ALA A 78 9.79 11.22 1.60
C ALA A 78 10.15 11.75 0.23
N SER A 79 11.19 12.58 0.15
CA SER A 79 11.64 13.09 -1.14
C SER A 79 12.06 11.97 -2.10
N ARG A 80 12.75 10.96 -1.60
CA ARG A 80 13.22 9.85 -2.42
C ARG A 80 12.05 8.99 -2.89
N LEU A 81 11.10 8.74 -1.99
CA LEU A 81 9.88 8.03 -2.35
C LEU A 81 9.10 8.77 -3.44
N ALA A 82 9.01 10.09 -3.30
CA ALA A 82 8.31 10.94 -4.25
C ALA A 82 8.91 10.80 -5.65
N ASP A 83 10.23 10.65 -5.72
CA ASP A 83 10.94 10.52 -7.02
C ASP A 83 10.66 9.22 -7.77
N THR A 84 10.27 8.19 -7.02
CA THR A 84 10.01 6.87 -7.58
C THR A 84 8.50 6.65 -7.80
N SER A 85 7.68 7.27 -6.94
CA SER A 85 6.25 7.04 -6.93
C SER A 85 5.62 7.60 -8.19
N HIS A 86 4.59 6.94 -8.68
CA HIS A 86 3.88 7.40 -9.84
C HIS A 86 2.82 8.38 -9.47
N VAL A 87 2.11 8.06 -8.36
CA VAL A 87 0.99 8.84 -7.83
C VAL A 87 1.49 10.20 -7.30
N ALA A 88 2.58 10.17 -6.54
CA ALA A 88 3.24 11.38 -6.05
C ALA A 88 3.72 12.27 -7.16
N ARG A 89 3.97 11.69 -8.32
CA ARG A 89 4.66 12.40 -9.33
C ARG A 89 3.70 12.90 -10.40
N ALA A 90 2.43 12.51 -10.32
CA ALA A 90 1.45 12.91 -11.33
C ALA A 90 1.09 14.39 -11.21
N PRO A 91 0.64 14.98 -12.33
CA PRO A 91 -0.03 16.29 -12.33
C PRO A 91 -1.12 16.43 -11.25
N VAL A 92 -1.22 17.63 -10.67
CA VAL A 92 -2.29 17.95 -9.73
C VAL A 92 -3.09 19.03 -10.39
N LYS A 93 -4.41 18.84 -10.47
CA LYS A 93 -5.25 19.77 -11.20
C LYS A 93 -5.12 21.15 -10.56
N ASN A 94 -4.63 22.07 -11.35
CA ASN A 94 -4.66 23.48 -11.05
C ASN A 94 -3.54 23.94 -10.14
N LEU A 95 -2.69 23.04 -9.68
CA LEU A 95 -1.59 23.45 -8.79
C LEU A 95 -0.27 23.00 -9.38
N PRO A 96 0.80 23.76 -9.08
CA PRO A 96 2.12 23.34 -9.51
C PRO A 96 2.56 22.06 -8.81
N LYS A 97 3.43 21.30 -9.46
CA LYS A 97 3.84 20.01 -8.89
C LYS A 97 4.62 20.24 -7.61
N GLU A 98 4.27 19.43 -6.58
CA GLU A 98 4.93 19.47 -5.28
C GLU A 98 5.12 17.99 -4.82
N PRO A 99 6.15 17.29 -5.34
CA PRO A 99 6.25 15.84 -5.12
C PRO A 99 6.15 15.40 -3.64
N LEU A 100 6.71 16.20 -2.75
CA LEU A 100 6.73 15.89 -1.33
C LEU A 100 5.34 15.98 -0.73
N LEU A 101 4.61 17.03 -1.05
CA LEU A 101 3.22 17.15 -0.61
C LEU A 101 2.42 16.00 -1.20
N GLU A 102 2.64 15.69 -2.49
CA GLU A 102 1.90 14.64 -3.15
C GLU A 102 2.16 13.27 -2.55
N ILE A 103 3.42 12.93 -2.26
CA ILE A 103 3.68 11.61 -1.70
C ILE A 103 3.08 11.48 -0.28
N LEU A 104 3.15 12.54 0.48
CA LEU A 104 2.54 12.56 1.85
C LEU A 104 1.04 12.40 1.76
N HIS A 105 0.40 13.01 0.75
CA HIS A 105 -1.03 12.79 0.50
C HIS A 105 -1.38 11.35 0.00
N THR A 106 -0.42 10.62 -0.58
CA THR A 106 -0.66 9.25 -1.06
C THR A 106 -0.41 8.23 0.06
N TRP A 107 0.67 8.48 0.77
CA TRP A 107 1.15 7.64 1.82
C TRP A 107 0.40 7.85 3.13
N LEU A 108 0.35 9.11 3.61
CA LEU A 108 -0.18 9.42 4.93
C LEU A 108 -1.24 10.54 4.93
N PRO A 109 -2.36 10.29 4.26
CA PRO A 109 -3.40 11.31 4.13
C PRO A 109 -4.21 11.58 5.37
N GLY A 110 -4.14 10.70 6.37
CA GLY A 110 -5.01 10.76 7.55
C GLY A 110 -4.24 11.27 8.78
N LEU A 111 -5.00 11.88 9.70
CA LEU A 111 -4.54 12.25 11.04
C LEU A 111 -5.26 11.40 12.08
N SER A 112 -4.53 11.04 13.14
CA SER A 112 -5.15 10.29 14.20
C SER A 112 -4.57 10.70 15.54
N LEU A 113 -5.44 11.11 16.43
CA LEU A 113 -5.10 11.48 17.76
C LEU A 113 -4.91 10.26 18.63
N SER A 114 -3.96 10.35 19.54
CA SER A 114 -3.92 9.47 20.70
C SER A 114 -4.27 10.28 21.93
N SER A 115 -5.33 9.87 22.62
CA SER A 115 -5.85 10.61 23.76
C SER A 115 -6.38 9.66 24.80
N ILE A 116 -6.50 10.15 26.02
CA ILE A 116 -6.89 9.36 27.16
C ILE A 116 -8.32 8.85 26.97
N HIS A 117 -8.60 7.64 27.45
CA HIS A 117 -9.93 7.02 27.29
C HIS A 117 -11.01 7.97 27.80
N PRO A 118 -12.11 8.12 27.05
CA PRO A 118 -13.07 9.16 27.43
C PRO A 118 -13.87 8.92 28.70
N ARG A 119 -13.79 7.70 29.27
CA ARG A 119 -14.36 7.44 30.58
C ARG A 119 -13.62 8.32 31.57
N GLU A 120 -12.34 8.55 31.29
CA GLU A 120 -11.51 9.34 32.20
C GLU A 120 -11.69 10.85 32.03
N LEU A 121 -12.21 11.27 30.88
CA LEU A 121 -12.44 12.69 30.59
C LEU A 121 -13.57 13.28 31.43
N SER A 122 -14.54 12.45 31.80
CA SER A 122 -15.60 12.84 32.72
C SER A 122 -15.04 13.20 34.09
N GLN A 123 -13.93 12.56 34.46
CA GLN A 123 -13.36 12.64 35.81
C GLN A 123 -12.28 13.72 35.90
N THR A 124 -11.27 13.47 36.73
CA THR A 124 -10.05 14.27 36.78
C THR A 124 -8.93 13.35 36.21
N PRO A 125 -8.61 13.50 34.91
CA PRO A 125 -7.71 12.55 34.25
C PRO A 125 -6.37 12.31 34.95
N SER A 126 -5.88 11.07 34.79
CA SER A 126 -4.68 10.56 35.48
C SER A 126 -3.35 11.00 34.85
N GLY A 127 -3.39 11.52 33.63
CA GLY A 127 -2.20 12.01 32.92
C GLY A 127 -2.63 13.04 31.89
N PRO A 128 -1.72 13.43 30.96
CA PRO A 128 -2.18 14.38 29.93
C PRO A 128 -3.30 13.79 29.10
N VAL A 129 -4.27 14.62 28.72
CA VAL A 129 -5.39 14.14 27.93
C VAL A 129 -4.96 13.83 26.51
N PHE A 130 -4.11 14.68 25.94
CA PHE A 130 -3.69 14.57 24.55
C PHE A 130 -2.21 14.17 24.49
N GLN A 131 -1.94 13.02 23.90
CA GLN A 131 -0.59 12.43 23.91
C GLN A 131 0.27 12.74 22.67
N HIS A 132 -0.27 12.45 21.49
CA HIS A 132 0.41 12.68 20.23
C HIS A 132 -0.57 12.65 19.09
N VAL A 133 -0.10 13.07 17.92
CA VAL A 133 -0.91 12.99 16.70
C VAL A 133 -0.10 12.16 15.71
N SER A 134 -0.76 11.19 15.07
CA SER A 134 -0.08 10.33 14.11
C SER A 134 -0.60 10.61 12.73
N LEU A 135 0.33 10.62 11.79
CA LEU A 135 0.01 10.57 10.40
C LEU A 135 -0.28 9.10 10.03
N CYS A 136 -1.32 8.91 9.23
CA CYS A 136 -1.78 7.52 8.93
C CYS A 136 -2.46 7.36 7.57
N ALA A 137 -2.65 6.10 7.17
CA ALA A 137 -3.23 5.76 5.89
C ALA A 137 -4.70 6.18 5.82
N LEU A 138 -5.38 6.16 6.97
CA LEU A 138 -6.80 6.50 7.05
C LEU A 138 -7.16 6.60 8.54
N GLY A 139 -7.79 7.70 8.92
CA GLY A 139 -8.22 7.85 10.33
C GLY A 139 -9.40 7.01 10.76
N ARG A 140 -9.48 6.68 12.04
CA ARG A 140 -10.66 5.97 12.54
C ARG A 140 -11.84 6.92 12.75
N ARG A 141 -11.54 8.17 13.07
CA ARG A 141 -12.57 9.22 13.14
C ARG A 141 -12.76 9.82 11.75
N ARG A 142 -14.00 10.11 11.37
CA ARG A 142 -14.25 10.67 10.03
C ARG A 142 -13.91 12.18 9.95
N GLY A 143 -13.59 12.63 8.73
CA GLY A 143 -13.21 14.01 8.50
C GLY A 143 -11.79 14.38 8.85
N THR A 144 -10.94 13.38 9.15
CA THR A 144 -9.61 13.63 9.72
C THR A 144 -8.47 13.60 8.67
N VAL A 145 -8.75 14.06 7.46
CA VAL A 145 -7.72 14.13 6.43
C VAL A 145 -6.82 15.34 6.65
N ALA A 146 -5.54 15.14 6.39
CA ALA A 146 -4.55 16.18 6.50
C ALA A 146 -4.58 17.08 5.27
N VAL A 147 -4.12 18.31 5.48
CA VAL A 147 -3.63 19.14 4.38
C VAL A 147 -2.20 19.50 4.68
N TYR A 148 -1.32 19.15 3.74
CA TYR A 148 0.09 19.47 3.84
C TYR A 148 0.38 20.66 2.94
N GLY A 149 1.29 21.51 3.40
CA GLY A 149 1.68 22.66 2.61
C GLY A 149 2.90 23.33 3.12
N HIS A 150 3.44 24.27 2.35
CA HIS A 150 4.58 25.02 2.79
C HIS A 150 4.22 26.41 3.37
N ASP A 151 2.95 26.78 3.37
CA ASP A 151 2.46 28.10 3.79
C ASP A 151 1.32 27.79 4.78
N ALA A 152 1.54 28.10 6.06
CA ALA A 152 0.55 27.79 7.09
C ALA A 152 -0.81 28.45 6.88
N GLU A 153 -0.78 29.71 6.46
CA GLU A 153 -2.00 30.47 6.19
C GLU A 153 -2.79 29.76 5.09
N TRP A 154 -2.09 29.31 4.05
CA TRP A 154 -2.77 28.58 2.96
C TRP A 154 -3.35 27.25 3.49
N VAL A 155 -2.60 26.53 4.30
CA VAL A 155 -3.08 25.28 4.85
C VAL A 155 -4.42 25.50 5.62
N VAL A 156 -4.44 26.46 6.54
CA VAL A 156 -5.64 26.65 7.38
C VAL A 156 -6.81 27.19 6.56
N SER A 157 -6.48 28.02 5.57
CA SER A 157 -7.45 28.63 4.65
C SER A 157 -8.20 27.60 3.82
N ARG A 158 -7.65 26.40 3.69
CA ARG A 158 -8.30 25.30 2.94
C ARG A 158 -9.53 24.76 3.66
N PHE A 159 -9.64 24.97 4.96
CA PHE A 159 -10.78 24.48 5.75
C PHE A 159 -11.85 25.54 5.87
N SER A 160 -12.86 25.41 5.01
CA SER A 160 -13.94 26.39 4.99
C SER A 160 -14.79 26.32 6.27
N SER A 161 -14.67 25.19 6.97
CA SER A 161 -15.31 24.91 8.26
C SER A 161 -14.70 25.75 9.40
N VAL A 162 -13.48 26.25 9.17
CA VAL A 162 -12.77 27.07 10.14
C VAL A 162 -12.99 28.54 9.82
N SER A 163 -13.64 29.26 10.74
CA SER A 163 -14.05 30.68 10.54
C SER A 163 -12.86 31.62 10.33
N LYS A 164 -13.13 32.79 9.75
CA LYS A 164 -12.07 33.76 9.52
C LYS A 164 -11.43 34.06 10.89
N SER A 165 -12.26 34.25 11.92
CA SER A 165 -11.79 34.53 13.29
C SER A 165 -11.00 33.36 13.89
N GLU A 166 -11.50 32.15 13.72
CA GLU A 166 -10.79 30.98 14.23
C GLU A 166 -9.40 30.88 13.55
N ARG A 167 -9.36 31.07 12.23
CA ARG A 167 -8.08 31.01 11.49
C ARG A 167 -7.06 32.01 12.02
N ALA A 168 -7.52 33.24 12.22
CA ALA A 168 -6.66 34.32 12.71
C ALA A 168 -6.03 33.93 14.04
N HIS A 169 -6.86 33.41 14.93
CA HIS A 169 -6.39 32.94 16.22
C HIS A 169 -5.35 31.83 16.10
N ILE A 170 -5.68 30.84 15.28
CA ILE A 170 -4.79 29.72 15.10
C ILE A 170 -3.43 30.17 14.56
N LEU A 171 -3.44 30.98 13.51
CA LEU A 171 -2.21 31.41 12.85
C LEU A 171 -1.40 32.39 13.69
N GLN A 172 -2.09 33.15 14.55
CA GLN A 172 -1.42 34.01 15.53
C GLN A 172 -0.53 33.11 16.35
N HIS A 173 -1.06 31.96 16.76
CA HIS A 173 -0.24 31.03 17.51
C HIS A 173 0.85 30.41 16.67
N VAL A 174 0.49 29.91 15.49
CA VAL A 174 1.46 29.23 14.62
C VAL A 174 2.61 30.20 14.29
N SER A 175 2.27 31.47 14.07
CA SER A 175 3.31 32.48 13.76
C SER A 175 4.27 32.70 14.91
N SER A 176 3.79 32.63 16.14
CA SER A 176 4.62 32.89 17.31
C SER A 176 5.61 31.75 17.60
N CYS A 177 5.42 30.60 16.94
CA CYS A 177 6.30 29.44 17.13
C CYS A 177 7.55 29.53 16.28
N ARG A 178 8.72 29.53 16.92
CA ARG A 178 9.99 29.46 16.21
C ARG A 178 10.36 28.00 15.95
N LEU A 179 10.27 27.58 14.69
CA LEU A 179 10.56 26.21 14.31
C LEU A 179 11.99 25.77 14.69
N GLU A 180 12.94 26.71 14.65
CA GLU A 180 14.33 26.40 14.97
C GLU A 180 14.57 25.99 16.42
N ASP A 181 13.68 26.36 17.35
CA ASP A 181 13.84 25.96 18.75
C ASP A 181 13.40 24.52 19.03
N LEU A 182 12.59 23.94 18.14
CA LEU A 182 12.07 22.60 18.39
C LEU A 182 13.20 21.62 18.37
N SER A 183 13.08 20.56 19.17
CA SER A 183 14.09 19.52 19.18
C SER A 183 14.01 18.68 17.91
N THR A 184 15.06 17.95 17.62
CA THR A 184 15.11 17.08 16.46
C THR A 184 14.26 15.84 16.76
N PRO A 185 13.23 15.55 15.94
CA PRO A 185 12.43 14.35 16.13
C PRO A 185 13.28 13.07 16.04
N ASN A 186 12.85 12.08 16.83
CA ASN A 186 13.47 10.76 16.88
C ASN A 186 12.90 9.85 15.81
N PHE A 187 13.49 9.94 14.61
CA PHE A 187 13.04 9.12 13.45
C PHE A 187 14.09 8.08 13.14
N VAL A 188 13.88 6.88 13.65
CA VAL A 188 14.90 5.79 13.49
C VAL A 188 14.28 4.45 13.13
N SER A 189 13.00 4.46 12.79
CA SER A 189 12.31 3.22 12.50
C SER A 189 12.90 2.52 11.27
N PRO A 190 12.98 1.18 11.30
CA PRO A 190 13.28 0.48 10.04
C PRO A 190 12.21 0.77 9.00
N LEU A 191 12.62 0.91 7.74
CA LEU A 191 11.66 1.17 6.66
C LEU A 191 10.74 -0.05 6.49
N GLU A 192 11.21 -1.26 6.79
CA GLU A 192 10.32 -2.46 6.68
C GLU A 192 9.04 -2.36 7.53
N THR A 193 9.15 -1.82 8.73
CA THR A 193 7.98 -1.60 9.57
C THR A 193 6.98 -0.66 8.91
N LEU A 194 7.48 0.40 8.29
CA LEU A 194 6.61 1.36 7.61
C LEU A 194 6.00 0.72 6.34
N MET A 195 6.79 -0.08 5.66
CA MET A 195 6.32 -0.69 4.41
CA MET A 195 6.37 -0.72 4.43
C MET A 195 5.23 -1.70 4.70
N ALA A 196 5.36 -2.44 5.81
CA ALA A 196 4.30 -3.38 6.24
C ALA A 196 2.99 -2.64 6.48
N LYS A 197 3.04 -1.48 7.12
CA LYS A 197 1.85 -0.67 7.31
C LYS A 197 1.28 -0.17 5.98
N ALA A 198 2.16 0.20 5.05
CA ALA A 198 1.72 0.68 3.70
C ALA A 198 1.01 -0.42 2.92
N ILE A 199 1.53 -1.62 3.02
CA ILE A 199 0.94 -2.81 2.42
C ILE A 199 -0.44 -3.07 3.04
N ASP A 200 -0.53 -3.03 4.37
CA ASP A 200 -1.79 -3.26 5.06
C ASP A 200 -2.84 -2.24 4.62
N ALA A 201 -2.40 -1.01 4.39
CA ALA A 201 -3.25 0.14 4.00
C ALA A 201 -4.06 -0.19 2.75
N GLY A 202 -3.44 -0.92 1.84
CA GLY A 202 -4.13 -1.26 0.62
C GLY A 202 -5.36 -2.15 0.84
N PHE A 203 -5.44 -2.85 1.98
CA PHE A 203 -6.58 -3.74 2.26
C PHE A 203 -7.66 -3.14 3.13
N ILE A 204 -7.51 -1.88 3.49
CA ILE A 204 -8.50 -1.18 4.27
C ILE A 204 -9.75 -1.00 3.41
N ARG A 205 -10.83 -1.59 3.91
CA ARG A 205 -12.09 -1.58 3.20
C ARG A 205 -12.55 -0.14 2.92
N ASP A 206 -12.91 0.12 1.66
CA ASP A 206 -13.48 1.39 1.22
C ASP A 206 -12.59 2.59 1.54
N ARG A 207 -11.27 2.35 1.62
CA ARG A 207 -10.35 3.42 2.01
C ARG A 207 -10.47 4.64 1.12
N LEU A 208 -10.41 4.45 -0.19
CA LEU A 208 -10.42 5.62 -1.08
C LEU A 208 -11.77 6.35 -1.03
N ASP A 209 -12.86 5.60 -0.91
CA ASP A 209 -14.20 6.22 -0.77
C ASP A 209 -14.29 7.04 0.52
N LEU A 210 -13.75 6.49 1.60
CA LEU A 210 -13.75 7.19 2.89
C LEU A 210 -12.82 8.41 2.89
N LEU A 211 -11.70 8.33 2.17
CA LEU A 211 -10.87 9.53 2.01
C LEU A 211 -11.62 10.65 1.30
N LYS A 212 -12.39 10.29 0.27
CA LYS A 212 -13.19 11.27 -0.47
C LYS A 212 -14.26 11.86 0.41
N THR A 213 -14.97 11.02 1.15
CA THR A 213 -16.01 11.55 2.05
C THR A 213 -15.43 12.43 3.18
N ASP A 214 -14.26 12.04 3.71
CA ASP A 214 -13.54 12.81 4.77
C ASP A 214 -13.21 14.23 4.31
N ARG A 215 -12.88 14.38 3.05
CA ARG A 215 -12.61 15.72 2.48
C ARG A 215 -13.85 16.60 2.56
N GLY A 216 -15.02 16.02 2.30
CA GLY A 216 -16.29 16.73 2.42
C GLY A 216 -16.62 17.06 3.86
N VAL A 217 -16.44 16.07 4.74
CA VAL A 217 -16.75 16.22 6.16
C VAL A 217 -15.91 17.35 6.76
N ALA A 218 -14.63 17.40 6.37
CA ALA A 218 -13.72 18.47 6.80
C ALA A 218 -13.98 19.83 6.12
N SER A 219 -14.77 19.84 5.04
CA SER A 219 -15.12 21.05 4.27
C SER A 219 -13.86 21.68 3.67
N ILE A 220 -13.01 20.82 3.09
CA ILE A 220 -11.78 21.32 2.47
C ILE A 220 -12.06 21.91 1.11
N LEU A 221 -11.49 23.09 0.85
CA LEU A 221 -11.71 23.83 -0.40
C LEU A 221 -10.68 23.45 -1.45
N SER A 222 -11.16 23.15 -2.65
CA SER A 222 -10.24 22.94 -3.76
C SER A 222 -9.72 24.29 -4.24
N PRO A 223 -8.52 24.31 -4.83
CA PRO A 223 -7.62 23.19 -5.10
C PRO A 223 -6.69 22.87 -3.92
N VAL A 224 -6.38 21.59 -3.79
CA VAL A 224 -5.49 21.09 -2.76
C VAL A 224 -4.72 19.92 -3.32
N TYR A 225 -3.67 19.47 -2.64
CA TYR A 225 -2.88 18.30 -3.10
C TYR A 225 -3.44 16.93 -2.71
N LEU A 226 -4.62 16.92 -2.09
CA LEU A 226 -5.28 15.66 -1.72
C LEU A 226 -5.50 14.79 -2.95
N LYS A 227 -5.32 13.50 -2.75
CA LYS A 227 -5.40 12.48 -3.83
C LYS A 227 -6.76 11.73 -3.96
N ALA A 228 -7.67 12.00 -3.06
CA ALA A 228 -9.03 11.47 -3.11
C ALA A 228 -10.03 12.55 -2.70
N GLN B 1 8.60 -26.99 2.37
CA GLN B 1 10.07 -26.72 2.22
C GLN B 1 10.29 -25.82 1.01
N GLY B 2 9.92 -26.28 -0.18
CA GLY B 2 9.97 -25.44 -1.36
C GLY B 2 8.84 -24.44 -1.25
N LEU B 3 8.94 -23.35 -1.99
CA LEU B 3 7.88 -22.35 -2.03
C LEU B 3 7.59 -22.10 -3.49
N TYR B 4 6.42 -22.54 -3.90
CA TYR B 4 6.01 -22.49 -5.30
C TYR B 4 4.99 -21.39 -5.51
N VAL B 5 4.92 -20.93 -6.75
CA VAL B 5 3.88 -20.04 -7.20
C VAL B 5 3.30 -20.63 -8.50
N GLY B 6 1.99 -20.52 -8.63
CA GLY B 6 1.30 -20.88 -9.86
C GLY B 6 0.26 -19.86 -10.21
N GLY B 7 -0.10 -19.76 -11.47
CA GLY B 7 -1.24 -18.98 -11.87
C GLY B 7 -1.19 -18.66 -13.34
N PHE B 8 -2.25 -18.07 -13.82
CA PHE B 8 -2.30 -17.65 -15.22
C PHE B 8 -1.59 -16.32 -15.42
N VAL B 9 -0.83 -16.18 -16.53
CA VAL B 9 -0.34 -14.87 -16.96
C VAL B 9 -1.22 -14.31 -18.08
N ASP B 10 -2.14 -15.13 -18.62
CA ASP B 10 -3.12 -14.69 -19.59
C ASP B 10 -4.30 -15.68 -19.55
N VAL B 11 -5.52 -15.17 -19.60
CA VAL B 11 -6.74 -16.00 -19.62
C VAL B 11 -7.44 -15.75 -20.94
N VAL B 12 -7.67 -16.81 -21.73
CA VAL B 12 -8.08 -16.67 -23.10
C VAL B 12 -9.44 -16.03 -23.20
N SER B 13 -10.30 -16.36 -22.26
CA SER B 13 -11.70 -16.00 -22.37
C SER B 13 -11.98 -14.73 -21.56
N CYS B 14 -11.07 -13.75 -21.63
CA CYS B 14 -11.25 -12.38 -21.12
C CYS B 14 -11.39 -11.47 -22.30
N PRO B 15 -12.24 -10.43 -22.18
CA PRO B 15 -12.28 -9.44 -23.24
C PRO B 15 -10.93 -8.82 -23.46
N LYS B 16 -10.58 -8.59 -24.71
CA LYS B 16 -9.29 -8.00 -24.97
C LYS B 16 -9.57 -6.53 -25.29
N LEU B 17 -8.57 -5.68 -25.12
CA LEU B 17 -8.80 -4.25 -25.29
C LEU B 17 -7.54 -3.56 -25.72
N GLU B 18 -6.49 -3.65 -24.91
CA GLU B 18 -5.26 -2.98 -25.25
C GLU B 18 -4.52 -3.86 -26.24
N GLN B 19 -4.34 -3.35 -27.45
CA GLN B 19 -3.68 -4.11 -28.51
C GLN B 19 -2.28 -4.60 -28.09
N GLU B 20 -1.54 -3.79 -27.33
CA GLU B 20 -0.17 -4.19 -26.91
C GLU B 20 -0.15 -5.37 -25.93
N LEU B 21 -1.28 -5.62 -25.25
CA LEU B 21 -1.42 -6.73 -24.29
C LEU B 21 -1.95 -8.03 -24.89
N TYR B 22 -2.38 -7.99 -26.14
CA TYR B 22 -3.01 -9.15 -26.71
C TYR B 22 -1.98 -10.24 -26.98
N LEU B 23 -2.30 -11.45 -26.52
CA LEU B 23 -1.53 -12.65 -26.77
C LEU B 23 -2.41 -13.62 -27.57
N ASP B 24 -2.12 -13.72 -28.86
CA ASP B 24 -2.96 -14.49 -29.77
C ASP B 24 -2.69 -15.99 -29.56
N PRO B 25 -3.69 -16.75 -29.06
CA PRO B 25 -3.46 -18.17 -28.75
C PRO B 25 -3.00 -18.99 -29.95
N ASP B 26 -3.44 -18.61 -31.14
CA ASP B 26 -2.96 -19.22 -32.39
C ASP B 26 -1.50 -18.88 -32.68
N GLN B 27 -0.97 -17.81 -32.08
CA GLN B 27 0.40 -17.35 -32.35
C GLN B 27 1.44 -17.76 -31.29
N VAL B 28 1.04 -17.80 -30.02
CA VAL B 28 1.98 -18.21 -28.97
C VAL B 28 2.31 -19.70 -28.98
N THR B 29 1.48 -20.51 -29.65
CA THR B 29 1.70 -21.98 -29.65
C THR B 29 3.11 -22.37 -30.03
N ASP B 30 3.68 -21.66 -31.01
CA ASP B 30 5.05 -21.93 -31.48
C ASP B 30 6.14 -21.60 -30.48
N TYR B 31 5.81 -20.81 -29.46
CA TYR B 31 6.81 -20.39 -28.48
C TYR B 31 6.58 -21.02 -27.12
N LEU B 32 5.57 -21.90 -27.04
CA LEU B 32 5.18 -22.60 -25.80
C LEU B 32 5.22 -24.13 -26.01
N PRO B 33 5.52 -24.90 -24.96
CA PRO B 33 5.84 -24.41 -23.62
C PRO B 33 7.25 -23.87 -23.53
N VAL B 34 7.48 -23.05 -22.51
CA VAL B 34 8.81 -22.58 -22.13
C VAL B 34 9.23 -23.41 -20.94
N THR B 35 10.27 -24.21 -21.11
CA THR B 35 10.82 -25.00 -20.01
C THR B 35 12.16 -24.47 -19.48
N GLU B 36 12.85 -23.66 -20.27
CA GLU B 36 14.04 -22.95 -19.81
C GLU B 36 13.60 -22.01 -18.69
N PRO B 37 14.33 -21.99 -17.54
CA PRO B 37 13.93 -21.09 -16.45
C PRO B 37 14.02 -19.60 -16.82
N LEU B 38 12.93 -18.89 -16.60
CA LEU B 38 12.86 -17.43 -16.72
C LEU B 38 12.89 -16.81 -15.34
N PRO B 39 13.48 -15.62 -15.24
CA PRO B 39 13.53 -14.99 -13.93
C PRO B 39 12.13 -14.63 -13.45
N ILE B 40 11.91 -14.76 -12.14
CA ILE B 40 10.76 -14.17 -11.46
C ILE B 40 11.28 -12.96 -10.67
N THR B 41 10.72 -11.80 -10.93
CA THR B 41 11.17 -10.56 -10.29
C THR B 41 10.00 -9.89 -9.62
N ILE B 42 10.28 -8.82 -8.88
CA ILE B 42 9.23 -8.02 -8.26
C ILE B 42 8.96 -6.76 -9.09
N GLU B 43 7.72 -6.67 -9.58
CA GLU B 43 7.22 -5.45 -10.19
C GLU B 43 8.14 -4.95 -11.31
N HIS B 44 8.67 -5.90 -12.10
CA HIS B 44 9.54 -5.61 -13.23
C HIS B 44 10.85 -4.86 -12.94
N LEU B 45 11.34 -5.02 -11.71
CA LEU B 45 12.61 -4.45 -11.28
C LEU B 45 13.64 -5.55 -11.49
N PRO B 46 14.50 -5.38 -12.49
CA PRO B 46 15.36 -6.51 -12.89
C PRO B 46 16.33 -6.99 -11.83
N GLU B 47 16.68 -6.16 -10.84
CA GLU B 47 17.62 -6.63 -9.80
C GLU B 47 16.88 -7.26 -8.61
N THR B 48 15.60 -7.54 -8.77
CA THR B 48 14.84 -8.19 -7.72
C THR B 48 14.47 -9.61 -8.10
N GLU B 49 15.42 -10.36 -8.64
CA GLU B 49 15.13 -11.77 -8.95
C GLU B 49 14.90 -12.53 -7.67
N VAL B 50 13.76 -13.21 -7.57
CA VAL B 50 13.41 -13.96 -6.33
C VAL B 50 13.36 -15.47 -6.55
N GLY B 51 13.47 -15.87 -7.80
CA GLY B 51 13.31 -17.27 -8.14
C GLY B 51 13.23 -17.42 -9.64
N TRP B 52 12.69 -18.56 -10.05
CA TRP B 52 12.72 -18.98 -11.43
C TRP B 52 11.44 -19.67 -11.84
N THR B 53 11.00 -19.38 -13.06
CA THR B 53 9.89 -20.16 -13.61
C THR B 53 10.32 -21.62 -13.82
N LEU B 54 9.35 -22.51 -13.59
CA LEU B 54 9.53 -23.95 -13.83
C LEU B 54 8.82 -24.38 -15.11
N GLY B 55 8.06 -23.50 -15.72
CA GLY B 55 7.37 -23.83 -16.92
C GLY B 55 6.30 -22.80 -17.18
N LEU B 56 6.12 -22.52 -18.46
CA LEU B 56 5.02 -21.67 -18.93
C LEU B 56 4.33 -22.54 -19.95
N PHE B 57 3.06 -22.79 -19.73
CA PHE B 57 2.33 -23.81 -20.48
C PHE B 57 1.09 -23.24 -21.14
N GLN B 58 0.82 -23.62 -22.37
CA GLN B 58 -0.47 -23.31 -22.99
CA GLN B 58 -0.47 -23.30 -22.96
C GLN B 58 -1.46 -24.38 -22.55
N VAL B 59 -2.54 -23.96 -21.89
CA VAL B 59 -3.64 -24.86 -21.55
C VAL B 59 -4.93 -24.27 -22.12
N SER B 60 -6.03 -25.00 -21.99
CA SER B 60 -7.27 -24.56 -22.63
C SER B 60 -7.69 -23.17 -22.18
N HIS B 61 -7.52 -22.91 -20.89
CA HIS B 61 -7.98 -21.66 -20.30
C HIS B 61 -7.02 -20.46 -20.57
N GLY B 62 -5.77 -20.71 -20.96
CA GLY B 62 -4.80 -19.62 -21.19
C GLY B 62 -3.35 -20.07 -21.04
N ILE B 63 -2.48 -19.15 -20.60
CA ILE B 63 -1.09 -19.47 -20.42
C ILE B 63 -0.86 -19.53 -18.89
N PHE B 64 -0.43 -20.70 -18.44
CA PHE B 64 -0.27 -21.01 -17.01
C PHE B 64 1.22 -21.08 -16.69
N CYS B 65 1.59 -20.45 -15.58
CA CYS B 65 2.96 -20.38 -15.12
C CYS B 65 3.12 -21.11 -13.80
N THR B 66 4.24 -21.80 -13.66
CA THR B 66 4.62 -22.37 -12.38
C THR B 66 6.03 -21.84 -12.12
N GLY B 67 6.35 -21.56 -10.87
CA GLY B 67 7.69 -21.14 -10.53
C GLY B 67 8.08 -21.51 -9.12
N ALA B 68 9.36 -21.29 -8.81
CA ALA B 68 9.86 -21.52 -7.47
C ALA B 68 10.46 -20.22 -6.96
N ILE B 69 10.11 -19.87 -5.72
CA ILE B 69 10.63 -18.68 -5.07
C ILE B 69 11.77 -19.16 -4.16
N THR B 70 13.00 -18.77 -4.51
CA THR B 70 14.18 -19.39 -3.94
C THR B 70 15.20 -18.48 -3.29
N SER B 71 15.07 -17.18 -3.46
CA SER B 71 16.07 -16.25 -2.96
C SER B 71 16.06 -16.12 -1.42
N PRO B 72 17.17 -16.48 -0.76
CA PRO B 72 17.22 -16.29 0.70
C PRO B 72 16.98 -14.86 1.16
N ALA B 73 17.61 -13.91 0.50
CA ALA B 73 17.45 -12.48 0.85
C ALA B 73 15.99 -12.02 0.73
N PHE B 74 15.34 -12.42 -0.35
CA PHE B 74 13.95 -12.08 -0.54
C PHE B 74 13.07 -12.68 0.54
N LEU B 75 13.28 -13.97 0.82
CA LEU B 75 12.47 -14.68 1.84
C LEU B 75 12.66 -14.07 3.22
N GLU B 76 13.88 -13.58 3.49
CA GLU B 76 14.20 -12.88 4.74
C GLU B 76 13.43 -11.57 4.86
N LEU B 77 13.38 -10.81 3.78
CA LEU B 77 12.56 -9.61 3.71
C LEU B 77 11.08 -9.91 3.88
N ALA B 78 10.59 -10.90 3.15
CA ALA B 78 9.18 -11.27 3.24
C ALA B 78 8.84 -11.65 4.68
N SER B 79 9.74 -12.40 5.33
CA SER B 79 9.48 -12.81 6.69
C SER B 79 9.43 -11.61 7.65
N ARG B 80 10.30 -10.63 7.42
CA ARG B 80 10.34 -9.41 8.25
C ARG B 80 9.04 -8.64 8.11
N LEU B 81 8.55 -8.51 6.88
CA LEU B 81 7.28 -7.85 6.63
C LEU B 81 6.11 -8.61 7.28
N ALA B 82 6.13 -9.94 7.18
CA ALA B 82 5.08 -10.76 7.79
C ALA B 82 5.02 -10.56 9.32
N ASP B 83 6.16 -10.29 9.93
CA ASP B 83 6.30 -10.10 11.39
C ASP B 83 5.47 -8.95 11.89
N THR B 84 5.26 -7.92 11.06
CA THR B 84 4.49 -6.77 11.55
C THR B 84 3.24 -6.48 10.74
N SER B 85 3.05 -7.13 9.60
CA SER B 85 1.83 -6.96 8.81
C SER B 85 0.60 -7.58 9.47
N HIS B 86 -0.41 -6.76 9.75
CA HIS B 86 -1.64 -7.28 10.33
C HIS B 86 -2.42 -8.17 9.39
N VAL B 87 -2.42 -7.85 8.09
CA VAL B 87 -3.18 -8.61 7.11
C VAL B 87 -2.53 -9.98 6.90
N ALA B 88 -1.18 -9.99 6.87
CA ALA B 88 -0.40 -11.25 6.77
C ALA B 88 -0.66 -12.15 7.96
N ARG B 89 -0.80 -11.56 9.15
CA ARG B 89 -0.91 -12.33 10.39
C ARG B 89 -2.34 -12.78 10.72
N ALA B 90 -3.33 -12.27 10.01
CA ALA B 90 -4.72 -12.63 10.30
C ALA B 90 -4.97 -14.09 9.89
N PRO B 91 -5.76 -14.81 10.72
CA PRO B 91 -6.20 -16.15 10.29
C PRO B 91 -6.78 -16.21 8.89
N VAL B 92 -6.61 -17.37 8.26
CA VAL B 92 -7.20 -17.67 6.97
C VAL B 92 -8.24 -18.73 7.26
N LYS B 93 -9.46 -18.53 6.75
CA LYS B 93 -10.53 -19.51 6.88
C LYS B 93 -10.10 -20.89 6.41
N ASN B 94 -10.20 -21.86 7.32
CA ASN B 94 -10.01 -23.28 7.03
C ASN B 94 -8.57 -23.73 6.76
N LEU B 95 -7.59 -22.85 6.93
CA LEU B 95 -6.21 -23.22 6.69
C LEU B 95 -5.33 -22.81 7.84
N PRO B 96 -4.28 -23.60 8.10
CA PRO B 96 -3.36 -23.29 9.18
C PRO B 96 -2.50 -22.09 8.81
N LYS B 97 -1.93 -21.43 9.82
CA LYS B 97 -1.09 -20.25 9.53
C LYS B 97 0.13 -20.63 8.73
N GLU B 98 0.36 -19.87 7.67
CA GLU B 98 1.55 -19.98 6.85
C GLU B 98 2.03 -18.55 6.56
N PRO B 99 2.85 -18.01 7.45
CA PRO B 99 3.33 -16.63 7.37
C PRO B 99 3.89 -16.19 6.01
N LEU B 100 4.74 -17.01 5.37
CA LEU B 100 5.38 -16.61 4.11
C LEU B 100 4.30 -16.58 3.05
N LEU B 101 3.45 -17.62 3.00
CA LEU B 101 2.40 -17.62 1.97
C LEU B 101 1.47 -16.41 2.14
N GLU B 102 1.13 -16.09 3.36
CA GLU B 102 0.19 -15.03 3.64
C GLU B 102 0.75 -13.63 3.33
N ILE B 103 2.02 -13.40 3.63
CA ILE B 103 2.62 -12.12 3.25
C ILE B 103 2.69 -11.95 1.72
N LEU B 104 3.04 -13.02 1.03
CA LEU B 104 3.09 -12.99 -0.45
C LEU B 104 1.73 -12.66 -1.06
N HIS B 105 0.67 -13.28 -0.52
CA HIS B 105 -0.65 -12.98 -0.97
C HIS B 105 -1.12 -11.60 -0.64
N THR B 106 -0.56 -10.99 0.42
CA THR B 106 -0.91 -9.65 0.80
C THR B 106 -0.17 -8.58 -0.01
N TRP B 107 1.14 -8.79 -0.18
CA TRP B 107 2.04 -7.81 -0.85
C TRP B 107 2.01 -7.94 -2.38
N LEU B 108 2.05 -9.17 -2.85
CA LEU B 108 2.25 -9.45 -4.27
C LEU B 108 1.26 -10.46 -4.78
N PRO B 109 -0.03 -10.11 -4.77
CA PRO B 109 -1.07 -11.07 -5.19
C PRO B 109 -1.15 -11.36 -6.69
N GLY B 110 -0.55 -10.52 -7.52
CA GLY B 110 -0.71 -10.56 -8.97
C GLY B 110 0.49 -11.15 -9.69
N LEU B 111 0.25 -11.73 -10.87
CA LEU B 111 1.31 -12.15 -11.79
C LEU B 111 1.29 -11.24 -13.00
N SER B 112 2.48 -10.98 -13.55
CA SER B 112 2.55 -10.19 -14.78
C SER B 112 3.66 -10.70 -15.72
N LEU B 113 3.29 -11.14 -16.90
CA LEU B 113 4.26 -11.51 -17.91
C LEU B 113 4.92 -10.25 -18.51
N SER B 114 6.20 -10.35 -18.84
CA SER B 114 6.85 -9.46 -19.78
C SER B 114 7.20 -10.25 -21.02
N SER B 115 6.73 -9.77 -22.17
CA SER B 115 6.91 -10.45 -23.41
C SER B 115 7.06 -9.46 -24.57
N ILE B 116 7.52 -9.96 -25.70
CA ILE B 116 7.86 -9.10 -26.82
C ILE B 116 6.60 -8.42 -27.35
N HIS B 117 6.76 -7.16 -27.77
CA HIS B 117 5.61 -6.42 -28.29
C HIS B 117 4.97 -7.24 -29.42
N PRO B 118 3.62 -7.34 -29.42
CA PRO B 118 2.96 -8.13 -30.45
C PRO B 118 3.31 -7.79 -31.90
N ARG B 119 3.55 -6.51 -32.19
CA ARG B 119 3.92 -6.10 -33.56
C ARG B 119 5.25 -6.74 -33.97
N GLU B 120 6.13 -6.93 -32.97
CA GLU B 120 7.48 -7.45 -33.19
C GLU B 120 7.56 -8.97 -33.24
N LEU B 121 6.41 -9.64 -33.35
CA LEU B 121 6.41 -11.08 -33.58
C LEU B 121 6.57 -11.35 -35.07
N SER B 122 7.79 -11.15 -35.56
CA SER B 122 8.14 -11.38 -36.96
C SER B 122 8.86 -12.73 -37.09
N GLN B 123 9.23 -13.11 -38.29
CA GLN B 123 9.88 -14.40 -38.53
C GLN B 123 11.29 -14.46 -37.93
N PRO B 125 12.28 -12.79 -33.83
CA PRO B 125 12.23 -11.48 -33.22
C PRO B 125 13.61 -10.95 -32.83
N SER B 126 13.65 -9.67 -32.44
CA SER B 126 14.92 -8.97 -32.13
C SER B 126 15.40 -9.17 -30.69
N GLY B 127 14.55 -9.80 -29.86
CA GLY B 127 14.90 -10.34 -28.51
C GLY B 127 14.06 -11.60 -28.30
N PRO B 128 14.29 -12.39 -27.20
CA PRO B 128 13.46 -13.57 -26.80
C PRO B 128 11.97 -13.24 -26.69
N VAL B 129 11.06 -14.20 -26.88
CA VAL B 129 9.61 -13.86 -26.84
C VAL B 129 9.07 -13.60 -25.44
N PHE B 130 9.38 -14.51 -24.52
CA PHE B 130 8.99 -14.37 -23.12
C PHE B 130 10.22 -14.02 -22.29
N GLN B 131 10.17 -12.88 -21.60
CA GLN B 131 11.35 -12.31 -20.96
C GLN B 131 11.41 -12.73 -19.50
N HIS B 132 10.35 -12.43 -18.75
CA HIS B 132 10.28 -12.77 -17.32
C HIS B 132 8.85 -12.78 -16.85
N VAL B 133 8.65 -13.21 -15.62
CA VAL B 133 7.37 -13.08 -14.95
C VAL B 133 7.61 -12.30 -13.66
N SER B 134 6.77 -11.31 -13.39
CA SER B 134 6.89 -10.55 -12.15
C SER B 134 5.73 -10.80 -11.24
N LEU B 135 6.03 -10.75 -9.97
CA LEU B 135 5.05 -10.69 -8.90
C LEU B 135 4.74 -9.20 -8.72
N CYS B 136 3.47 -8.91 -8.56
CA CYS B 136 3.02 -7.53 -8.50
C CYS B 136 1.76 -7.30 -7.68
N ALA B 137 1.43 -6.02 -7.48
CA ALA B 137 0.29 -5.63 -6.64
C ALA B 137 -1.02 -5.98 -7.31
N LEU B 138 -1.03 -5.95 -8.64
CA LEU B 138 -2.25 -6.16 -9.45
C LEU B 138 -1.82 -6.28 -10.92
N GLY B 139 -2.27 -7.35 -11.59
CA GLY B 139 -1.94 -7.51 -12.98
C GLY B 139 -2.70 -6.61 -13.93
N ARG B 140 -2.10 -6.30 -15.08
CA ARG B 140 -2.80 -5.55 -16.11
C ARG B 140 -3.76 -6.44 -16.90
N ARG B 141 -3.44 -7.72 -16.98
CA ARG B 141 -4.30 -8.72 -17.57
C ARG B 141 -5.22 -9.32 -16.49
N ARG B 142 -6.50 -9.55 -16.83
CA ARG B 142 -7.42 -10.03 -15.80
CA ARG B 142 -7.49 -10.07 -15.86
C ARG B 142 -7.27 -11.57 -15.61
N GLY B 143 -7.56 -12.02 -14.39
CA GLY B 143 -7.41 -13.42 -14.03
C GLY B 143 -6.02 -13.88 -13.62
N THR B 144 -5.09 -12.92 -13.42
CA THR B 144 -3.68 -13.25 -13.21
C THR B 144 -3.28 -13.21 -11.74
N VAL B 145 -4.15 -13.64 -10.85
CA VAL B 145 -3.78 -13.78 -9.46
C VAL B 145 -2.92 -15.01 -9.25
N ALA B 146 -1.94 -14.85 -8.37
CA ALA B 146 -1.07 -15.92 -7.98
C ALA B 146 -1.74 -16.82 -6.91
N VAL B 147 -1.30 -18.07 -6.90
CA VAL B 147 -1.46 -18.96 -5.75
C VAL B 147 -0.06 -19.37 -5.29
N TYR B 148 0.26 -19.06 -4.04
CA TYR B 148 1.50 -19.47 -3.42
C TYR B 148 1.27 -20.69 -2.55
N GLY B 149 2.20 -21.63 -2.56
CA GLY B 149 2.07 -22.83 -1.74
C GLY B 149 3.36 -23.56 -1.53
N HIS B 150 3.39 -24.48 -0.58
CA HIS B 150 4.56 -25.34 -0.39
C HIS B 150 4.49 -26.68 -1.10
N ASP B 151 3.36 -26.99 -1.72
CA ASP B 151 3.04 -28.30 -2.33
C ASP B 151 2.63 -27.89 -3.77
N ALA B 152 3.45 -28.19 -4.78
CA ALA B 152 3.13 -27.82 -6.17
C ALA B 152 1.82 -28.45 -6.67
N GLU B 153 1.58 -29.72 -6.30
CA GLU B 153 0.31 -30.38 -6.68
C GLU B 153 -0.89 -29.61 -6.11
N TRP B 154 -0.79 -29.21 -4.85
CA TRP B 154 -1.83 -28.40 -4.24
C TRP B 154 -2.03 -27.07 -4.94
N VAL B 155 -0.94 -26.36 -5.21
CA VAL B 155 -1.04 -25.08 -5.94
C VAL B 155 -1.81 -25.31 -7.27
N VAL B 156 -1.40 -26.27 -8.09
CA VAL B 156 -2.03 -26.41 -9.43
C VAL B 156 -3.48 -26.85 -9.30
N SER B 157 -3.74 -27.69 -8.29
CA SER B 157 -5.07 -28.22 -8.06
C SER B 157 -6.06 -27.14 -7.61
N ARG B 158 -5.56 -25.95 -7.22
CA ARG B 158 -6.47 -24.85 -6.86
C ARG B 158 -7.18 -24.29 -8.13
N PHE B 159 -6.64 -24.55 -9.31
CA PHE B 159 -7.17 -23.98 -10.53
C PHE B 159 -8.12 -24.98 -11.17
N SER B 160 -9.42 -24.77 -10.97
CA SER B 160 -10.37 -25.78 -11.47
C SER B 160 -10.48 -25.68 -12.99
N SER B 161 -9.99 -24.56 -13.52
CA SER B 161 -9.80 -24.32 -14.97
C SER B 161 -8.75 -25.22 -15.62
N VAL B 162 -7.85 -25.79 -14.82
CA VAL B 162 -6.80 -26.65 -15.33
C VAL B 162 -7.27 -28.08 -15.14
N SER B 163 -7.35 -28.84 -16.23
CA SER B 163 -7.92 -30.18 -16.21
C SER B 163 -7.02 -31.16 -15.48
N LYS B 164 -7.56 -32.30 -15.11
CA LYS B 164 -6.76 -33.33 -14.45
C LYS B 164 -5.57 -33.72 -15.34
N SER B 165 -5.85 -33.86 -16.64
CA SER B 165 -4.84 -34.19 -17.63
C SER B 165 -3.73 -33.12 -17.74
N GLU B 166 -4.16 -31.89 -17.91
CA GLU B 166 -3.25 -30.74 -17.96
C GLU B 166 -2.40 -30.64 -16.70
N ARG B 167 -3.02 -30.80 -15.55
CA ARG B 167 -2.29 -30.76 -14.27
C ARG B 167 -1.20 -31.83 -14.21
N ALA B 168 -1.54 -33.04 -14.61
CA ALA B 168 -0.57 -34.14 -14.57
C ALA B 168 0.66 -33.82 -15.43
N HIS B 169 0.42 -33.25 -16.58
CA HIS B 169 1.46 -32.83 -17.50
C HIS B 169 2.35 -31.76 -16.89
N ILE B 170 1.71 -30.74 -16.32
CA ILE B 170 2.42 -29.64 -15.72
C ILE B 170 3.30 -30.16 -14.57
N LEU B 171 2.73 -31.01 -13.72
CA LEU B 171 3.42 -31.49 -12.54
C LEU B 171 4.54 -32.47 -12.89
N GLN B 172 4.35 -33.24 -13.97
CA GLN B 172 5.41 -34.12 -14.47
C GLN B 172 6.65 -33.25 -14.71
N HIS B 173 6.45 -32.13 -15.38
CA HIS B 173 7.57 -31.23 -15.63
C HIS B 173 8.10 -30.61 -14.36
N VAL B 174 7.20 -30.10 -13.51
CA VAL B 174 7.62 -29.46 -12.25
C VAL B 174 8.44 -30.40 -11.38
N SER B 175 8.01 -31.67 -11.27
CA SER B 175 8.72 -32.74 -10.52
C SER B 175 10.14 -33.02 -11.02
N SER B 176 10.34 -32.84 -12.31
CA SER B 176 11.65 -33.10 -12.93
C SER B 176 12.67 -32.01 -12.61
N CYS B 177 12.20 -30.88 -12.09
CA CYS B 177 13.07 -29.77 -11.71
C CYS B 177 13.54 -29.89 -10.24
N ARG B 178 14.79 -30.26 -10.04
CA ARG B 178 15.37 -30.24 -8.69
C ARG B 178 15.68 -28.79 -8.36
N LEU B 179 15.02 -28.28 -7.33
CA LEU B 179 15.14 -26.86 -6.98
C LEU B 179 16.57 -26.52 -6.58
N GLU B 180 17.24 -27.51 -6.00
CA GLU B 180 18.58 -27.31 -5.50
C GLU B 180 19.54 -26.97 -6.64
N ASP B 181 19.20 -27.43 -7.84
CA ASP B 181 20.02 -27.21 -9.04
C ASP B 181 19.88 -25.81 -9.66
N LEU B 182 18.86 -25.05 -9.29
CA LEU B 182 18.68 -23.72 -9.89
C LEU B 182 19.74 -22.78 -9.34
N SER B 183 20.20 -21.82 -10.14
CA SER B 183 21.17 -20.85 -9.65
C SER B 183 20.56 -19.87 -8.66
N THR B 184 21.42 -19.25 -7.85
CA THR B 184 20.96 -18.27 -6.87
C THR B 184 20.49 -17.01 -7.60
N PRO B 185 19.23 -16.59 -7.36
CA PRO B 185 18.74 -15.37 -7.98
C PRO B 185 19.51 -14.14 -7.50
N ASN B 186 19.62 -13.13 -8.37
CA ASN B 186 20.28 -11.87 -8.05
C ASN B 186 19.22 -10.98 -7.47
N PHE B 187 19.12 -11.02 -6.14
CA PHE B 187 18.18 -10.16 -5.41
C PHE B 187 18.96 -9.18 -4.60
N VAL B 188 18.76 -7.92 -4.91
CA VAL B 188 19.33 -6.81 -4.14
C VAL B 188 18.16 -5.94 -3.84
N SER B 189 17.74 -5.92 -2.58
CA SER B 189 16.55 -5.19 -2.21
C SER B 189 16.72 -3.67 -2.43
N PRO B 190 15.89 -3.08 -3.33
CA PRO B 190 15.80 -1.63 -3.39
C PRO B 190 14.63 -1.17 -2.52
N LEU B 191 14.86 -1.01 -1.23
CA LEU B 191 13.74 -1.06 -0.32
C LEU B 191 12.86 0.18 -0.52
N GLU B 192 13.47 1.33 -0.77
CA GLU B 192 12.67 2.55 -0.96
C GLU B 192 11.81 2.43 -2.22
N THR B 193 12.40 1.88 -3.28
CA THR B 193 11.61 1.66 -4.52
C THR B 193 10.41 0.74 -4.28
N LEU B 194 10.64 -0.35 -3.54
CA LEU B 194 9.54 -1.28 -3.22
C LEU B 194 8.46 -0.59 -2.36
N MET B 195 8.89 0.26 -1.42
CA MET B 195 7.89 0.95 -0.54
C MET B 195 7.08 1.90 -1.41
N ALA B 196 7.73 2.65 -2.32
CA ALA B 196 7.00 3.55 -3.24
C ALA B 196 5.93 2.80 -4.05
N LYS B 197 6.28 1.63 -4.54
CA LYS B 197 5.34 0.83 -5.28
C LYS B 197 4.15 0.36 -4.42
N ALA B 198 4.45 -0.04 -3.18
CA ALA B 198 3.42 -0.45 -2.23
C ALA B 198 2.46 0.72 -1.91
N ILE B 199 3.02 1.91 -1.74
CA ILE B 199 2.21 3.12 -1.52
C ILE B 199 1.30 3.38 -2.73
N ASP B 200 1.88 3.35 -3.91
CA ASP B 200 1.10 3.56 -5.14
C ASP B 200 -0.02 2.52 -5.28
N ALA B 201 0.25 1.28 -4.91
CA ALA B 201 -0.71 0.17 -5.08
C ALA B 201 -1.98 0.44 -4.25
N GLY B 202 -1.83 1.08 -3.10
CA GLY B 202 -2.99 1.46 -2.29
C GLY B 202 -3.96 2.43 -2.94
N PHE B 203 -3.46 3.17 -3.93
CA PHE B 203 -4.27 4.18 -4.60
C PHE B 203 -4.80 3.74 -5.94
N ILE B 204 -4.66 2.45 -6.26
CA ILE B 204 -5.22 1.88 -7.47
C ILE B 204 -6.72 1.74 -7.28
N ARG B 205 -7.49 2.48 -8.07
CA ARG B 205 -8.91 2.48 -7.93
C ARG B 205 -9.45 1.06 -8.19
N ASP B 206 -10.35 0.64 -7.32
CA ASP B 206 -11.04 -0.65 -7.42
C ASP B 206 -10.15 -1.86 -7.30
N ARG B 207 -8.98 -1.71 -6.70
CA ARG B 207 -8.02 -2.80 -6.67
C ARG B 207 -8.56 -4.07 -6.03
N LEU B 208 -9.19 -3.94 -4.88
CA LEU B 208 -9.66 -5.13 -4.18
C LEU B 208 -10.83 -5.82 -4.93
N ASP B 209 -11.65 -5.01 -5.60
CA ASP B 209 -12.72 -5.57 -6.48
C ASP B 209 -12.10 -6.35 -7.64
N LEU B 210 -11.07 -5.77 -8.25
CA LEU B 210 -10.38 -6.45 -9.37
C LEU B 210 -9.68 -7.73 -8.92
N LEU B 211 -9.08 -7.71 -7.74
CA LEU B 211 -8.48 -8.95 -7.21
C LEU B 211 -9.55 -10.04 -6.97
N LYS B 212 -10.71 -9.63 -6.46
CA LYS B 212 -11.79 -10.59 -6.22
C LYS B 212 -12.27 -11.17 -7.54
N THR B 213 -12.46 -10.29 -8.49
CA THR B 213 -12.90 -10.71 -9.83
C THR B 213 -11.90 -11.68 -10.46
N ASP B 214 -10.61 -11.36 -10.32
CA ASP B 214 -9.54 -12.17 -10.87
C ASP B 214 -9.55 -13.59 -10.37
N ARG B 215 -9.87 -13.79 -9.08
CA ARG B 215 -9.95 -15.13 -8.51
C ARG B 215 -11.03 -15.98 -9.23
N GLY B 216 -12.16 -15.36 -9.58
CA GLY B 216 -13.22 -15.99 -10.32
C GLY B 216 -12.81 -16.26 -11.77
N VAL B 217 -12.19 -15.28 -12.41
CA VAL B 217 -11.72 -15.42 -13.80
C VAL B 217 -10.72 -16.57 -13.90
N ALA B 218 -9.85 -16.71 -12.90
CA ALA B 218 -8.89 -17.80 -12.83
C ALA B 218 -9.48 -19.16 -12.41
N SER B 219 -10.69 -19.13 -11.88
CA SER B 219 -11.42 -20.29 -11.35
CA SER B 219 -11.41 -20.30 -11.34
C SER B 219 -10.69 -20.97 -10.19
N ILE B 220 -10.28 -20.17 -9.24
CA ILE B 220 -9.56 -20.72 -8.10
C ILE B 220 -10.52 -21.27 -7.06
N LEU B 221 -10.19 -22.44 -6.52
CA LEU B 221 -11.00 -23.19 -5.58
C LEU B 221 -10.51 -22.91 -4.18
N SER B 222 -11.44 -22.66 -3.26
CA SER B 222 -11.13 -22.63 -1.84
C SER B 222 -10.88 -24.03 -1.30
N PRO B 223 -10.18 -24.13 -0.16
CA PRO B 223 -9.51 -23.04 0.54
C PRO B 223 -8.17 -22.65 -0.11
N VAL B 224 -7.80 -21.39 0.05
CA VAL B 224 -6.55 -20.86 -0.49
C VAL B 224 -6.14 -19.70 0.39
N TYR B 225 -4.87 -19.31 0.31
CA TYR B 225 -4.36 -18.22 1.12
C TYR B 225 -4.60 -16.79 0.56
N LEU B 226 -5.40 -16.66 -0.50
CA LEU B 226 -5.67 -15.38 -1.10
C LEU B 226 -6.34 -14.46 -0.09
N LYS B 227 -5.92 -13.19 -0.11
CA LYS B 227 -6.35 -12.20 0.85
C LYS B 227 -7.48 -11.31 0.30
N ALA B 228 -7.81 -11.49 -0.98
CA ALA B 228 -8.97 -10.84 -1.62
C ALA B 228 -9.81 -11.79 -2.49
N PRO C 2 14.01 -4.59 -30.15
CA PRO C 2 12.97 -5.20 -29.34
C PRO C 2 12.48 -4.27 -28.24
N VAL C 3 11.18 -4.36 -27.99
CA VAL C 3 10.57 -3.63 -26.93
C VAL C 3 9.64 -4.65 -26.26
N TYR C 4 9.77 -4.76 -24.95
CA TYR C 4 8.94 -5.73 -24.20
C TYR C 4 7.78 -4.98 -23.63
N GLN C 6 5.34 -4.92 -20.47
CA GLN C 6 5.29 -5.36 -19.08
C GLN C 6 3.85 -5.35 -18.59
N PRO D 2 -2.32 5.77 32.56
CA PRO D 2 -3.71 5.60 32.13
C PRO D 2 -3.81 4.97 30.74
N VAL D 3 -5.01 4.57 30.34
CA VAL D 3 -5.22 3.97 29.01
C VAL D 3 -5.50 5.07 27.97
N TYR D 4 -4.80 4.99 26.84
CA TYR D 4 -5.00 5.92 25.72
C TYR D 4 -5.69 5.19 24.57
N GLN D 6 -6.06 5.14 20.53
CA GLN D 6 -5.32 5.57 19.36
C GLN D 6 -6.25 5.52 18.15
#